data_4YGT
#
_entry.id   4YGT
#
_cell.length_a   90.830
_cell.length_b   90.830
_cell.length_c   41.900
_cell.angle_alpha   90.000
_cell.angle_beta   90.000
_cell.angle_gamma   120.000
#
_symmetry.space_group_name_H-M   'P 61'
#
loop_
_entity.id
_entity.type
_entity.pdbx_description
1 polymer 'Uncharacterized protein YjgB'
2 non-polymer 'SULFATE ION'
3 non-polymer 1,2-ETHANEDIOL
4 water water
#
_entity_poly.entity_id   1
_entity_poly.type   'polypeptide(L)'
_entity_poly.pdbx_seq_one_letter_code
;GAAQTNTLSENTNQSAAELVKNLYNTAYKGE(MSE)PQQAQGLTINKSTKGDVHAAFGEPERPVGGDNRFDLYHWN
(MSE)GQPGYGFSYHKD(MSE)TISEIRYFGTGVERQLNLGGVTPEVLQKQLGPVNRVLTVPFTDEIDYVYDTGRYELHF
VIGTDQTADHVNLKAK
;
_entity_poly.pdbx_strand_id   A
#
# COMPACT_ATOMS: atom_id res chain seq x y z
N ASN A 13 -5.39 -12.62 -15.44
CA ASN A 13 -4.72 -11.99 -14.30
C ASN A 13 -5.76 -11.43 -13.31
N GLN A 14 -6.90 -12.14 -13.15
CA GLN A 14 -8.01 -11.78 -12.26
C GLN A 14 -7.58 -11.68 -10.78
N SER A 15 -6.45 -12.32 -10.42
CA SER A 15 -5.85 -12.28 -9.09
C SER A 15 -5.46 -10.84 -8.77
N ALA A 16 -4.83 -10.14 -9.75
CA ALA A 16 -4.41 -8.74 -9.63
C ALA A 16 -5.61 -7.81 -9.66
N ALA A 17 -6.68 -8.18 -10.38
CA ALA A 17 -7.92 -7.41 -10.47
C ALA A 17 -8.66 -7.45 -9.14
N GLU A 18 -8.84 -8.66 -8.57
CA GLU A 18 -9.52 -8.89 -7.28
C GLU A 18 -8.75 -8.19 -6.17
N LEU A 19 -7.39 -8.11 -6.32
CA LEU A 19 -6.52 -7.42 -5.38
C LEU A 19 -6.82 -5.92 -5.37
N VAL A 20 -6.83 -5.28 -6.55
CA VAL A 20 -7.12 -3.86 -6.73
C VAL A 20 -8.51 -3.56 -6.15
N LYS A 21 -9.50 -4.44 -6.44
CA LYS A 21 -10.86 -4.34 -5.91
C LYS A 21 -10.87 -4.43 -4.38
N ASN A 22 -10.14 -5.42 -3.79
CA ASN A 22 -10.11 -5.61 -2.34
C ASN A 22 -9.39 -4.42 -1.64
N LEU A 23 -8.33 -3.88 -2.27
CA LEU A 23 -7.58 -2.73 -1.75
C LEU A 23 -8.45 -1.48 -1.73
N TYR A 24 -9.18 -1.20 -2.82
CA TYR A 24 -10.10 -0.07 -2.96
C TYR A 24 -11.18 -0.12 -1.89
N ASN A 25 -11.76 -1.32 -1.67
CA ASN A 25 -12.80 -1.63 -0.69
C ASN A 25 -12.36 -1.31 0.74
N THR A 26 -11.26 -1.91 1.22
CA THR A 26 -10.82 -1.75 2.61
C THR A 26 -10.27 -0.35 2.87
N ALA A 27 -9.71 0.30 1.85
CA ALA A 27 -9.21 1.68 1.92
C ALA A 27 -10.23 2.67 2.51
N TYR A 28 -11.55 2.42 2.34
CA TYR A 28 -12.62 3.26 2.92
C TYR A 28 -12.70 3.17 4.47
N LYS A 29 -12.18 2.07 5.05
CA LYS A 29 -12.05 1.80 6.50
C LYS A 29 -10.72 2.35 7.06
N GLY A 30 -9.82 2.77 6.19
CA GLY A 30 -8.48 3.23 6.58
C GLY A 30 -7.58 2.07 6.98
N GLU A 31 -7.78 0.94 6.31
CA GLU A 31 -7.06 -0.31 6.51
C GLU A 31 -6.68 -0.93 5.19
N PRO A 33 -6.06 -4.96 3.36
CA PRO A 33 -6.60 -6.30 3.65
C PRO A 33 -5.56 -7.33 4.07
N GLN A 34 -6.06 -8.57 4.27
CA GLN A 34 -5.30 -9.79 4.59
C GLN A 34 -4.53 -9.67 5.92
N GLN A 35 -3.19 -9.71 5.89
CA GLN A 35 -2.34 -9.70 7.08
C GLN A 35 -2.45 -8.39 7.85
N ALA A 36 -2.66 -7.26 7.13
CA ALA A 36 -2.77 -5.93 7.72
C ALA A 36 -4.17 -5.65 8.27
N GLN A 37 -5.08 -6.60 8.16
CA GLN A 37 -6.46 -6.41 8.62
C GLN A 37 -6.57 -5.92 10.07
N GLY A 38 -7.41 -4.89 10.29
CA GLY A 38 -7.70 -4.34 11.60
C GLY A 38 -6.67 -3.36 12.11
N LEU A 39 -5.68 -2.98 11.27
CA LEU A 39 -4.70 -1.97 11.62
C LEU A 39 -5.13 -0.68 10.92
N THR A 40 -5.77 0.21 11.67
CA THR A 40 -6.40 1.44 11.16
C THR A 40 -5.53 2.69 11.25
N ILE A 41 -5.48 3.43 10.12
CA ILE A 41 -4.78 4.73 10.06
C ILE A 41 -5.35 5.66 11.14
N ASN A 42 -4.46 6.36 11.89
CA ASN A 42 -4.75 7.33 12.95
C ASN A 42 -5.45 6.71 14.18
N LYS A 43 -5.55 5.36 14.23
CA LYS A 43 -6.24 4.67 15.32
C LYS A 43 -5.34 3.56 15.89
N SER A 44 -4.85 2.63 15.06
CA SER A 44 -3.97 1.56 15.54
C SER A 44 -2.57 2.14 15.75
N THR A 45 -1.80 1.53 16.66
CA THR A 45 -0.47 2.03 17.03
C THR A 45 0.69 1.23 16.44
N LYS A 46 1.95 1.69 16.70
CA LYS A 46 3.21 1.00 16.39
C LYS A 46 3.22 -0.34 17.13
N GLY A 47 2.73 -0.32 18.38
CA GLY A 47 2.58 -1.46 19.26
C GLY A 47 1.67 -2.53 18.68
N ASP A 48 0.55 -2.13 18.05
CA ASP A 48 -0.39 -3.07 17.43
C ASP A 48 0.25 -3.71 16.19
N VAL A 49 1.00 -2.92 15.41
CA VAL A 49 1.70 -3.38 14.21
C VAL A 49 2.71 -4.46 14.60
N HIS A 50 3.50 -4.19 15.63
CA HIS A 50 4.50 -5.10 16.16
C HIS A 50 3.86 -6.33 16.74
N ALA A 51 2.70 -6.18 17.39
CA ALA A 51 1.92 -7.29 17.93
C ALA A 51 1.48 -8.22 16.77
N ALA A 52 1.02 -7.64 15.67
CA ALA A 52 0.55 -8.39 14.51
C ALA A 52 1.66 -9.02 13.66
N PHE A 53 2.70 -8.24 13.32
CA PHE A 53 3.76 -8.62 12.40
C PHE A 53 5.08 -9.04 13.01
N GLY A 54 5.28 -8.77 14.30
CA GLY A 54 6.56 -9.04 14.95
C GLY A 54 7.49 -7.85 14.75
N GLU A 55 8.79 -8.07 14.89
CA GLU A 55 9.79 -7.02 14.71
C GLU A 55 10.06 -6.84 13.25
N PRO A 56 10.27 -5.58 12.79
CA PRO A 56 10.51 -5.34 11.36
C PRO A 56 11.88 -5.82 10.88
N GLU A 57 11.93 -6.22 9.59
CA GLU A 57 13.13 -6.64 8.87
C GLU A 57 14.03 -5.44 8.61
N ARG A 58 13.50 -4.23 8.87
CA ARG A 58 14.16 -2.93 8.84
C ARG A 58 13.24 -1.92 9.57
N PRO A 59 13.56 -1.55 10.83
CA PRO A 59 12.66 -0.65 11.57
C PRO A 59 12.90 0.84 11.30
N VAL A 60 12.04 1.69 11.91
CA VAL A 60 12.13 3.16 11.83
C VAL A 60 13.48 3.55 12.42
N GLY A 61 14.23 4.38 11.71
CA GLY A 61 15.56 4.82 12.15
C GLY A 61 16.40 5.30 11.00
N GLY A 62 16.92 6.52 11.14
CA GLY A 62 17.72 7.17 10.11
C GLY A 62 16.81 7.81 9.09
N ASP A 63 17.14 7.67 7.80
CA ASP A 63 16.35 8.20 6.68
C ASP A 63 15.09 7.34 6.41
N ASN A 64 14.88 6.29 7.24
CA ASN A 64 13.75 5.39 7.14
C ASN A 64 12.67 5.74 8.18
N ARG A 65 11.50 6.16 7.70
CA ARG A 65 10.39 6.47 8.62
C ARG A 65 9.31 5.36 8.60
N PHE A 66 9.64 4.17 8.06
CA PHE A 66 8.74 3.02 7.98
C PHE A 66 9.25 1.81 8.68
N ASP A 67 8.38 1.16 9.46
CA ASP A 67 8.65 -0.17 10.00
C ASP A 67 8.47 -1.07 8.81
N LEU A 68 9.55 -1.68 8.31
CA LEU A 68 9.46 -2.46 7.08
C LEU A 68 9.48 -3.98 7.30
N TYR A 69 8.49 -4.64 6.68
CA TYR A 69 8.29 -6.09 6.76
C TYR A 69 8.43 -6.62 5.37
N HIS A 70 9.47 -7.42 5.18
CA HIS A 70 9.83 -8.00 3.90
C HIS A 70 8.77 -9.00 3.44
N TRP A 71 8.61 -9.16 2.13
CA TRP A 71 7.72 -10.18 1.60
C TRP A 71 8.32 -11.57 1.92
N ASN A 72 7.47 -12.53 2.23
CA ASN A 72 7.89 -13.88 2.58
C ASN A 72 6.93 -14.87 1.90
N GLY A 74 4.20 -16.23 -0.30
CA GLY A 74 2.98 -15.58 -0.78
C GLY A 74 2.49 -14.48 0.13
N GLN A 75 3.21 -14.24 1.25
CA GLN A 75 2.89 -13.17 2.22
C GLN A 75 3.56 -11.87 1.74
N PRO A 76 2.79 -10.80 1.46
CA PRO A 76 3.39 -9.58 0.91
C PRO A 76 4.19 -8.74 1.93
N GLY A 77 4.96 -7.81 1.39
CA GLY A 77 5.72 -6.84 2.15
C GLY A 77 4.86 -5.68 2.56
N TYR A 78 5.13 -5.10 3.73
CA TYR A 78 4.42 -3.92 4.25
C TYR A 78 5.37 -2.96 4.88
N GLY A 79 4.93 -1.72 4.92
CA GLY A 79 5.60 -0.61 5.58
C GLY A 79 4.57 0.16 6.37
N PHE A 80 4.93 0.56 7.58
CA PHE A 80 4.08 1.37 8.44
C PHE A 80 4.85 2.57 8.94
N SER A 81 4.33 3.76 8.70
CA SER A 81 4.87 5.00 9.27
C SER A 81 3.87 5.45 10.35
N TYR A 82 4.32 6.23 11.31
CA TYR A 82 3.49 6.66 12.44
C TYR A 82 3.50 8.17 12.68
N HIS A 83 2.43 8.70 13.30
CA HIS A 83 2.39 10.11 13.74
C HIS A 83 3.24 10.22 15.03
N LYS A 84 3.38 11.44 15.57
CA LYS A 84 4.09 11.68 16.83
C LYS A 84 3.48 10.84 17.97
N ASP A 85 2.11 10.78 18.03
CA ASP A 85 1.29 10.06 19.02
C ASP A 85 1.38 8.50 18.90
N THR A 87 0.31 6.57 16.35
CA THR A 87 -0.75 5.91 15.58
C THR A 87 -0.28 5.84 14.13
N ILE A 88 -0.81 4.91 13.34
CA ILE A 88 -0.39 4.73 11.94
C ILE A 88 -0.71 5.98 11.08
N SER A 89 0.33 6.53 10.41
CA SER A 89 0.10 7.66 9.51
C SER A 89 -0.03 7.18 8.07
N GLU A 90 0.64 6.06 7.69
CA GLU A 90 0.58 5.53 6.33
C GLU A 90 0.87 4.05 6.29
N ILE A 91 0.18 3.34 5.39
CA ILE A 91 0.42 1.90 5.18
C ILE A 91 0.91 1.77 3.74
N ARG A 92 2.00 1.02 3.55
CA ARG A 92 2.60 0.77 2.26
C ARG A 92 2.59 -0.74 2.00
N TYR A 93 1.93 -1.16 0.91
CA TYR A 93 1.78 -2.53 0.43
C TYR A 93 2.79 -2.75 -0.70
N PHE A 94 3.73 -3.72 -0.55
CA PHE A 94 4.79 -3.92 -1.53
C PHE A 94 4.59 -5.11 -2.47
N GLY A 95 3.51 -5.87 -2.26
CA GLY A 95 3.27 -7.09 -3.03
C GLY A 95 4.25 -8.16 -2.58
N THR A 96 4.40 -9.23 -3.37
CA THR A 96 5.32 -10.32 -3.08
C THR A 96 6.49 -10.31 -4.10
N GLY A 97 7.50 -11.15 -3.84
CA GLY A 97 8.65 -11.31 -4.71
C GLY A 97 8.42 -12.51 -5.61
N VAL A 98 7.87 -13.60 -5.03
CA VAL A 98 7.57 -14.84 -5.75
C VAL A 98 6.13 -14.77 -6.28
N GLU A 99 5.98 -15.13 -7.58
CA GLU A 99 4.71 -15.10 -8.34
C GLU A 99 4.05 -13.72 -8.18
N ARG A 100 4.85 -12.65 -8.44
CA ARG A 100 4.46 -11.24 -8.32
C ARG A 100 3.36 -10.88 -9.32
N GLN A 101 3.30 -11.58 -10.48
CA GLN A 101 2.27 -11.39 -11.52
C GLN A 101 0.86 -11.46 -10.92
N LEU A 102 0.69 -12.36 -9.92
CA LEU A 102 -0.55 -12.59 -9.18
C LEU A 102 -0.94 -11.40 -8.29
N ASN A 103 -0.03 -10.42 -8.09
CA ASN A 103 -0.36 -9.23 -7.30
C ASN A 103 0.14 -7.97 -8.01
N LEU A 104 0.97 -7.11 -7.40
CA LEU A 104 1.42 -5.82 -7.96
C LEU A 104 2.09 -5.90 -9.33
N GLY A 105 2.67 -7.06 -9.65
CA GLY A 105 3.29 -7.30 -10.95
C GLY A 105 2.28 -7.26 -12.08
N GLY A 106 1.03 -7.57 -11.75
CA GLY A 106 -0.10 -7.55 -12.66
C GLY A 106 -0.98 -6.31 -12.53
N VAL A 107 -0.59 -5.37 -11.64
CA VAL A 107 -1.34 -4.14 -11.41
C VAL A 107 -0.75 -3.05 -12.30
N THR A 108 -1.47 -2.80 -13.40
CA THR A 108 -1.12 -1.83 -14.44
C THR A 108 -2.07 -0.62 -14.39
N PRO A 109 -1.69 0.57 -14.95
CA PRO A 109 -2.61 1.72 -14.93
C PRO A 109 -3.93 1.47 -15.70
N GLU A 110 -3.95 0.41 -16.54
CA GLU A 110 -5.12 0.02 -17.33
C GLU A 110 -6.04 -0.90 -16.49
N VAL A 111 -5.48 -1.80 -15.66
CA VAL A 111 -6.34 -2.66 -14.82
C VAL A 111 -7.01 -1.76 -13.77
N LEU A 112 -6.36 -0.64 -13.39
CA LEU A 112 -6.88 0.36 -12.47
C LEU A 112 -8.09 1.06 -13.09
N GLN A 113 -8.06 1.23 -14.42
CA GLN A 113 -9.15 1.82 -15.19
C GLN A 113 -10.29 0.78 -15.31
N LYS A 114 -9.99 -0.47 -15.73
CA LYS A 114 -10.97 -1.57 -15.88
C LYS A 114 -11.65 -1.95 -14.55
N GLN A 115 -10.96 -1.71 -13.42
CA GLN A 115 -11.53 -2.10 -12.14
C GLN A 115 -12.11 -0.92 -11.37
N LEU A 116 -11.39 0.21 -11.27
CA LEU A 116 -11.84 1.33 -10.45
C LEU A 116 -12.34 2.55 -11.24
N GLY A 117 -12.43 2.40 -12.55
CA GLY A 117 -12.83 3.50 -13.41
C GLY A 117 -11.74 4.55 -13.50
N PRO A 118 -12.10 5.83 -13.75
CA PRO A 118 -11.07 6.86 -13.87
C PRO A 118 -10.39 7.18 -12.53
N VAL A 119 -9.15 7.62 -12.64
CA VAL A 119 -8.27 7.97 -11.51
C VAL A 119 -8.62 9.41 -11.06
N ASN A 120 -8.61 9.68 -9.74
CA ASN A 120 -8.90 11.03 -9.25
C ASN A 120 -7.76 12.01 -9.57
N ARG A 121 -6.51 11.59 -9.33
CA ARG A 121 -5.29 12.38 -9.49
C ARG A 121 -4.14 11.60 -10.03
N VAL A 122 -3.23 12.26 -10.73
CA VAL A 122 -1.96 11.67 -11.13
C VAL A 122 -0.91 12.64 -10.57
N LEU A 123 -0.07 12.16 -9.64
CA LEU A 123 0.93 12.96 -8.93
C LEU A 123 2.36 12.48 -9.13
N THR A 124 3.30 13.41 -8.93
CA THR A 124 4.73 13.17 -9.05
C THR A 124 5.20 12.55 -7.71
N VAL A 125 6.32 11.78 -7.73
CA VAL A 125 6.87 11.17 -6.52
C VAL A 125 8.24 11.86 -6.25
N PRO A 126 8.43 12.50 -5.07
CA PRO A 126 9.72 13.16 -4.79
C PRO A 126 10.87 12.17 -4.65
N PHE A 127 12.03 12.52 -5.25
CA PHE A 127 13.30 11.78 -5.26
C PHE A 127 13.29 10.49 -6.16
N THR A 128 12.21 10.22 -6.95
CA THR A 128 12.10 9.02 -7.81
C THR A 128 11.46 9.34 -9.18
N ASP A 129 11.50 8.33 -10.09
CA ASP A 129 10.92 8.39 -11.44
C ASP A 129 9.54 7.69 -11.50
N GLU A 130 8.89 7.48 -10.34
CA GLU A 130 7.57 6.82 -10.28
C GLU A 130 6.39 7.78 -10.49
N ILE A 131 5.25 7.23 -10.92
CA ILE A 131 4.04 8.01 -11.07
C ILE A 131 2.94 7.37 -10.19
N ASP A 132 2.29 8.23 -9.44
CA ASP A 132 1.28 7.86 -8.47
C ASP A 132 -0.14 8.12 -8.98
N TYR A 133 -0.92 7.03 -9.19
CA TYR A 133 -2.33 7.08 -9.56
C TYR A 133 -3.16 7.09 -8.25
N VAL A 134 -3.79 8.24 -7.91
CA VAL A 134 -4.52 8.38 -6.65
C VAL A 134 -6.02 8.18 -6.84
N TYR A 135 -6.61 7.31 -6.00
CA TYR A 135 -8.05 7.02 -5.92
C TYR A 135 -8.57 7.46 -4.55
N ASP A 136 -9.55 8.38 -4.51
CA ASP A 136 -10.11 8.83 -3.23
C ASP A 136 -11.06 7.77 -2.69
N THR A 137 -10.91 7.44 -1.39
CA THR A 137 -11.69 6.39 -0.70
C THR A 137 -12.23 6.91 0.65
N GLY A 138 -13.24 7.74 0.57
CA GLY A 138 -13.88 8.36 1.73
C GLY A 138 -12.98 9.35 2.41
N ARG A 139 -12.61 9.05 3.66
CA ARG A 139 -11.70 9.84 4.48
C ARG A 139 -10.24 9.59 4.08
N TYR A 140 -9.97 8.52 3.31
CA TYR A 140 -8.61 8.11 2.96
C TYR A 140 -8.36 8.18 1.45
N GLU A 141 -7.12 7.87 1.03
CA GLU A 141 -6.73 7.84 -0.37
C GLU A 141 -5.72 6.73 -0.61
N LEU A 142 -5.90 6.04 -1.74
CA LEU A 142 -5.04 4.93 -2.18
C LEU A 142 -4.14 5.44 -3.26
N HIS A 143 -2.84 5.37 -3.00
CA HIS A 143 -1.82 5.85 -3.92
C HIS A 143 -1.16 4.66 -4.59
N PHE A 144 -1.55 4.36 -5.86
CA PHE A 144 -0.91 3.27 -6.60
C PHE A 144 0.34 3.84 -7.27
N VAL A 145 1.53 3.52 -6.73
CA VAL A 145 2.80 4.04 -7.25
C VAL A 145 3.36 3.09 -8.33
N ILE A 146 3.23 3.47 -9.60
CA ILE A 146 3.66 2.71 -10.79
C ILE A 146 5.08 3.14 -11.20
N GLY A 147 5.91 2.15 -11.49
CA GLY A 147 7.30 2.35 -11.88
C GLY A 147 7.50 2.75 -13.33
N THR A 148 8.75 2.61 -13.83
CA THR A 148 9.12 2.93 -15.23
C THR A 148 8.37 1.97 -16.18
N ASP A 149 8.33 0.67 -15.85
CA ASP A 149 7.51 -0.31 -16.54
C ASP A 149 6.10 -0.07 -16.02
N GLN A 150 5.08 -0.46 -16.75
CA GLN A 150 3.73 -0.14 -16.29
C GLN A 150 3.20 -1.06 -15.15
N THR A 151 4.05 -1.43 -14.18
CA THR A 151 3.65 -2.26 -13.03
C THR A 151 3.78 -1.44 -11.74
N ALA A 152 2.94 -1.77 -10.73
CA ALA A 152 2.95 -1.11 -9.42
C ALA A 152 4.13 -1.59 -8.57
N ASP A 153 4.81 -0.65 -7.92
CA ASP A 153 5.94 -0.90 -7.02
C ASP A 153 5.43 -1.11 -5.62
N HIS A 154 4.55 -0.21 -5.17
CA HIS A 154 3.85 -0.23 -3.88
C HIS A 154 2.56 0.57 -3.98
N VAL A 155 1.64 0.28 -3.07
CA VAL A 155 0.34 0.93 -2.95
C VAL A 155 0.30 1.54 -1.55
N ASN A 156 0.10 2.85 -1.45
CA ASN A 156 0.05 3.58 -0.18
C ASN A 156 -1.35 3.93 0.26
N LEU A 157 -1.61 3.83 1.57
CA LEU A 157 -2.88 4.25 2.15
C LEU A 157 -2.64 5.29 3.21
N LYS A 158 -3.31 6.45 3.11
CA LYS A 158 -3.19 7.50 4.12
C LYS A 158 -4.50 8.28 4.22
N ALA A 159 -4.65 9.11 5.26
CA ALA A 159 -5.84 9.97 5.39
C ALA A 159 -5.76 11.12 4.41
N LYS A 160 -6.92 11.52 3.86
CA LYS A 160 -7.04 12.69 2.97
C LYS A 160 -6.61 13.97 3.71
#